data_5KDM
#
_entry.id   5KDM
#
_cell.length_a   161.216
_cell.length_b   161.216
_cell.length_c   117.772
_cell.angle_alpha   90.00
_cell.angle_beta   90.00
_cell.angle_gamma   120.00
#
_symmetry.space_group_name_H-M   'P 32 2 1'
#
loop_
_entity.id
_entity.type
_entity.pdbx_description
1 polymer 'Histone H3.3'
2 polymer 'Histone H4'
3 polymer 'Death domain-associated protein 6'
4 polymer 'Major tegument protein'
#
loop_
_entity_poly.entity_id
_entity_poly.type
_entity_poly.pdbx_seq_one_letter_code
_entity_poly.pdbx_strand_id
1 'polypeptide(L)'
;ARTKQTARKSTGGKAPRKQLATKAARKSAPSTGGVKKPHRYRPGTVALREIRRYQKSTELLIRKLPFQRLVREIAQDFKT
DLRFQSAAIGALQEASEAYLVGLFEDTNLCAIHAKRVTIMPKDIQLARRIRGERA
;
A
2 'polypeptide(L)'
;SGRGKGGKGLGKGGAKRHRKVLRDNIQGITKPAIRRLARRGGVKRISGLIYEETRGVLKVFLENVIRDAVTYTEHAKRKT
VTAMDVVYALKRQGRTLYGFGG
;
B
3 'polypeptide(L)'
;SPRTRGSRRQIQRLEQLLALYVAEIRRLQEKELDLSELDDPDSAYLQEARLKRKLIRLFGRLCELKDCSSLTGRVIEQRI
PYRGTRYPEVNRRIERLINKPGPDTFPDYGDVLRAVEKAAARHSLGLPRQQLQLMAQDAFRDVGIRLQERRHLDLIYNFG
CHLTDDYRPGVDPALSDPVLARRLRENRSLAMSRLDEVISKYAMLQDKSEEG
;
C
4 'polypeptide(L)'
;QALDTVRYDYGHYLIMLGPFQPWSGLTAPPCPYAESSWAQAAVQTALELFSALYPAPCISGYARPPGPSAVIEHLGSLVP
KGGLLLFLSHLPDDVKDGLGEMGPARATGPGMQQFVSSYFLNPACSNVFITVRQRGEKINGRTVLQALGRACDMAGCQHY
VLGSTVPLGGLNFVNDLASPVSTAEMMDDFSPFFTVEFPPIQEEGASSPVPLDVDESMD
;
D
#
# COMPACT_ATOMS: atom_id res chain seq x y z
N LYS A 37 -19.15 15.37 1.69
CA LYS A 37 -18.97 14.10 2.40
C LYS A 37 -20.23 13.23 2.29
N PRO A 38 -20.57 12.81 1.05
CA PRO A 38 -21.67 11.87 0.80
C PRO A 38 -21.33 10.43 1.21
N HIS A 39 -22.34 9.60 1.34
CA HIS A 39 -22.19 8.30 2.00
C HIS A 39 -21.28 7.30 1.29
N ARG A 40 -20.87 6.28 2.04
CA ARG A 40 -19.87 5.29 1.60
C ARG A 40 -20.26 3.87 2.02
N TYR A 41 -19.68 2.89 1.32
CA TYR A 41 -20.12 1.50 1.39
C TYR A 41 -18.99 0.51 1.73
N ARG A 42 -19.24 -0.26 2.79
CA ARG A 42 -18.45 -1.42 3.21
C ARG A 42 -19.34 -2.67 3.21
N PRO A 43 -19.06 -3.65 2.33
CA PRO A 43 -19.84 -4.87 2.24
C PRO A 43 -19.46 -5.89 3.29
N GLY A 44 -20.41 -6.74 3.66
CA GLY A 44 -20.18 -7.72 4.70
C GLY A 44 -19.41 -8.97 4.32
N THR A 45 -19.55 -9.40 3.06
CA THR A 45 -18.97 -10.64 2.61
C THR A 45 -17.53 -10.53 2.17
N VAL A 46 -17.06 -9.32 1.92
CA VAL A 46 -15.67 -9.14 1.47
C VAL A 46 -14.90 -8.06 2.25
N ALA A 47 -13.73 -8.46 2.73
CA ALA A 47 -12.84 -7.53 3.38
C ALA A 47 -12.55 -6.45 2.38
N LEU A 48 -12.33 -5.25 2.86
CA LEU A 48 -12.05 -4.15 1.95
C LEU A 48 -10.69 -4.33 1.31
N ARG A 49 -9.62 -4.53 2.09
CA ARG A 49 -8.29 -4.60 1.51
C ARG A 49 -8.26 -5.57 0.32
N GLU A 50 -9.08 -6.61 0.34
CA GLU A 50 -9.20 -7.43 -0.85
C GLU A 50 -9.82 -6.61 -2.00
N ILE A 51 -10.97 -6.00 -1.79
CA ILE A 51 -11.63 -5.19 -2.82
C ILE A 51 -10.76 -4.03 -3.33
N ARG A 52 -9.91 -3.50 -2.47
CA ARG A 52 -9.06 -2.41 -2.88
C ARG A 52 -7.93 -2.95 -3.71
N ARG A 53 -7.48 -4.17 -3.43
CA ARG A 53 -6.44 -4.74 -4.28
C ARG A 53 -6.99 -5.17 -5.64
N TYR A 54 -8.25 -5.59 -5.67
CA TYR A 54 -8.86 -5.97 -6.94
C TYR A 54 -9.08 -4.73 -7.77
N GLN A 55 -9.67 -3.71 -7.17
CA GLN A 55 -9.81 -2.45 -7.89
C GLN A 55 -8.49 -1.83 -8.31
N LYS A 56 -7.44 -2.07 -7.53
CA LYS A 56 -6.10 -1.59 -7.84
C LYS A 56 -5.59 -2.32 -9.08
N SER A 57 -5.81 -3.63 -9.12
CA SER A 57 -5.40 -4.47 -10.23
C SER A 57 -6.12 -4.17 -11.54
N THR A 58 -7.41 -3.89 -11.48
CA THR A 58 -8.13 -3.52 -12.69
C THR A 58 -7.67 -2.18 -13.23
N GLU A 59 -6.92 -1.43 -12.43
CA GLU A 59 -6.43 -0.11 -12.80
C GLU A 59 -5.17 -0.11 -13.65
N LEU A 60 -4.46 -1.24 -13.67
CA LEU A 60 -3.13 -1.33 -14.30
C LEU A 60 -3.24 -0.87 -15.75
N LEU A 61 -2.18 -0.27 -16.29
CA LEU A 61 -2.25 0.35 -17.61
C LEU A 61 -2.06 -0.68 -18.74
N ILE A 62 -0.87 -1.27 -18.83
CA ILE A 62 -0.56 -2.24 -19.88
C ILE A 62 -1.55 -3.41 -19.94
N ARG A 63 -1.88 -3.88 -21.14
CA ARG A 63 -2.84 -4.99 -21.27
C ARG A 63 -2.13 -6.26 -20.82
N LYS A 64 -2.89 -7.20 -20.29
CA LYS A 64 -2.33 -8.35 -19.56
C LYS A 64 -1.87 -9.53 -20.45
N LEU A 65 -2.40 -9.61 -21.66
CA LEU A 65 -1.81 -10.54 -22.60
C LEU A 65 -0.42 -10.06 -23.04
N PRO A 66 -0.24 -8.76 -23.40
CA PRO A 66 1.11 -8.32 -23.77
C PRO A 66 2.16 -8.61 -22.72
N PHE A 67 1.83 -8.27 -21.48
CA PHE A 67 2.65 -8.61 -20.31
C PHE A 67 2.92 -10.12 -20.20
N GLN A 68 1.86 -10.92 -20.06
CA GLN A 68 1.99 -12.38 -19.94
C GLN A 68 2.99 -12.92 -20.98
N ARG A 69 2.89 -12.39 -22.19
CA ARG A 69 3.78 -12.75 -23.28
C ARG A 69 5.20 -12.22 -23.11
N LEU A 70 5.37 -11.09 -22.43
CA LEU A 70 6.72 -10.59 -22.18
C LEU A 70 7.43 -11.42 -21.09
N VAL A 71 6.67 -11.93 -20.13
CA VAL A 71 7.24 -12.88 -19.20
C VAL A 71 7.58 -14.18 -19.94
N ARG A 72 6.72 -14.63 -20.86
CA ARG A 72 7.10 -15.78 -21.68
C ARG A 72 8.45 -15.52 -22.35
N GLU A 73 8.59 -14.36 -23.00
CA GLU A 73 9.78 -14.03 -23.76
C GLU A 73 11.02 -14.08 -22.87
N ILE A 74 10.90 -13.61 -21.64
CA ILE A 74 12.02 -13.64 -20.70
C ILE A 74 12.29 -15.04 -20.12
N ALA A 75 11.27 -15.89 -20.06
CA ALA A 75 11.48 -17.23 -19.55
C ALA A 75 12.10 -18.16 -20.61
N GLN A 76 11.57 -18.08 -21.82
CA GLN A 76 12.10 -18.83 -22.97
C GLN A 76 13.51 -18.30 -23.28
N ASP A 77 13.69 -17.00 -23.05
CA ASP A 77 15.01 -16.37 -22.93
C ASP A 77 15.92 -17.14 -21.96
N PHE A 78 15.57 -17.14 -20.67
CA PHE A 78 16.44 -17.64 -19.58
C PHE A 78 16.70 -19.14 -19.61
N LYS A 79 16.00 -19.85 -20.49
CA LYS A 79 16.17 -21.31 -20.68
C LYS A 79 15.66 -22.07 -19.45
N THR A 80 15.26 -21.32 -18.43
CA THR A 80 14.59 -21.88 -17.30
C THR A 80 13.20 -22.23 -17.76
N ASP A 81 12.76 -23.49 -17.57
CA ASP A 81 11.34 -23.76 -17.76
C ASP A 81 10.68 -24.14 -16.43
N LEU A 82 9.92 -23.20 -15.88
CA LEU A 82 9.21 -23.45 -14.65
C LEU A 82 7.82 -22.95 -14.82
N ARG A 83 6.87 -23.65 -14.23
CA ARG A 83 5.54 -23.10 -14.19
C ARG A 83 5.60 -21.84 -13.32
N PHE A 84 4.88 -20.78 -13.67
CA PHE A 84 4.78 -19.58 -12.81
C PHE A 84 3.45 -19.59 -12.11
N GLN A 85 3.35 -19.05 -10.87
CA GLN A 85 2.03 -18.90 -10.25
C GLN A 85 1.36 -17.77 -10.96
N SER A 86 0.05 -17.71 -11.02
CA SER A 86 -0.54 -16.55 -11.70
C SER A 86 -0.46 -15.37 -10.72
N ALA A 87 -0.39 -15.71 -9.44
CA ALA A 87 -0.18 -14.73 -8.39
C ALA A 87 1.14 -13.98 -8.56
N ALA A 88 2.13 -14.69 -9.10
CA ALA A 88 3.46 -14.14 -9.33
C ALA A 88 3.52 -13.26 -10.58
N ILE A 89 2.72 -13.57 -11.59
CA ILE A 89 2.62 -12.62 -12.68
C ILE A 89 1.96 -11.35 -12.12
N GLY A 90 1.00 -11.52 -11.22
CA GLY A 90 0.34 -10.37 -10.61
C GLY A 90 1.32 -9.43 -9.93
N ALA A 91 2.12 -10.02 -9.04
CA ALA A 91 3.19 -9.29 -8.37
C ALA A 91 4.10 -8.58 -9.38
N LEU A 92 4.55 -9.32 -10.38
CA LEU A 92 5.45 -8.71 -11.38
C LEU A 92 4.84 -7.50 -12.08
N GLN A 93 3.57 -7.57 -12.43
CA GLN A 93 3.00 -6.43 -13.11
C GLN A 93 2.86 -5.23 -12.18
N GLU A 94 2.24 -5.45 -11.01
CA GLU A 94 2.07 -4.36 -10.06
C GLU A 94 3.39 -3.62 -9.84
N ALA A 95 4.45 -4.41 -9.60
CA ALA A 95 5.79 -3.88 -9.33
C ALA A 95 6.46 -3.17 -10.51
N SER A 96 6.29 -3.72 -11.71
CA SER A 96 6.84 -3.10 -12.93
C SER A 96 6.28 -1.72 -13.18
N GLU A 97 4.96 -1.61 -13.23
CA GLU A 97 4.40 -0.29 -13.45
C GLU A 97 4.73 0.67 -12.32
N ALA A 98 4.76 0.16 -11.09
CA ALA A 98 5.32 0.94 -9.98
C ALA A 98 6.67 1.54 -10.37
N TYR A 99 7.56 0.73 -10.93
CA TYR A 99 8.90 1.20 -11.28
C TYR A 99 8.90 2.25 -12.40
N LEU A 100 8.01 2.04 -13.37
CA LEU A 100 7.96 2.91 -14.54
C LEU A 100 7.38 4.28 -14.23
N VAL A 101 6.20 4.27 -13.62
CA VAL A 101 5.64 5.54 -13.18
C VAL A 101 6.70 6.17 -12.32
N GLY A 102 7.32 5.36 -11.46
CA GLY A 102 8.41 5.81 -10.60
C GLY A 102 9.50 6.56 -11.33
N LEU A 103 9.84 6.10 -12.53
CA LEU A 103 10.85 6.76 -13.37
C LEU A 103 10.34 8.05 -14.02
N PHE A 104 9.06 8.09 -14.36
CA PHE A 104 8.53 9.32 -14.92
C PHE A 104 8.33 10.39 -13.85
N GLU A 105 7.88 9.96 -12.68
CA GLU A 105 7.81 10.77 -11.49
C GLU A 105 9.21 11.36 -11.24
N ASP A 106 10.22 10.50 -11.19
CA ASP A 106 11.60 10.93 -10.98
C ASP A 106 12.08 11.93 -12.02
N THR A 107 11.66 11.75 -13.28
CA THR A 107 12.16 12.59 -14.37
C THR A 107 11.46 13.95 -14.48
N ASN A 108 10.19 13.99 -14.14
CA ASN A 108 9.46 15.22 -14.10
C ASN A 108 9.80 16.01 -12.83
N LEU A 109 10.25 15.30 -11.81
CA LEU A 109 10.55 15.95 -10.54
C LEU A 109 11.78 16.82 -10.65
N CYS A 110 12.68 16.49 -11.58
CA CYS A 110 13.58 17.56 -11.99
C CYS A 110 13.33 17.94 -13.46
N ALA A 111 12.41 18.90 -13.62
CA ALA A 111 12.21 19.64 -14.87
C ALA A 111 11.94 21.06 -14.46
N ILE A 112 12.84 21.97 -14.85
CA ILE A 112 12.65 23.43 -14.72
C ILE A 112 12.64 24.06 -16.11
N HIS A 113 11.49 24.61 -16.54
CA HIS A 113 11.28 25.02 -17.95
C HIS A 113 10.60 26.39 -18.24
N ALA A 114 10.90 26.95 -19.43
CA ALA A 114 10.27 28.18 -19.94
C ALA A 114 8.89 27.94 -20.60
N LYS A 115 8.66 26.69 -21.00
CA LYS A 115 7.40 26.22 -21.55
C LYS A 115 7.51 24.70 -21.57
N ARG A 116 6.46 24.00 -21.95
CA ARG A 116 6.56 22.54 -22.01
C ARG A 116 7.50 22.15 -23.13
N VAL A 117 8.51 21.37 -22.77
CA VAL A 117 9.40 20.79 -23.75
C VAL A 117 9.20 19.29 -23.64
N THR A 118 9.18 18.64 -24.79
CA THR A 118 8.96 17.19 -24.87
C THR A 118 10.15 16.40 -24.26
N ILE A 119 9.88 15.30 -23.55
CA ILE A 119 10.92 14.67 -22.71
C ILE A 119 11.73 13.57 -23.39
N MET A 120 13.05 13.63 -23.22
CA MET A 120 13.99 12.80 -23.97
C MET A 120 14.95 12.10 -23.02
N PRO A 121 15.58 11.00 -23.47
CA PRO A 121 16.52 10.21 -22.63
C PRO A 121 17.64 11.02 -21.97
N LYS A 122 17.94 12.19 -22.53
CA LYS A 122 18.76 13.19 -21.84
C LYS A 122 18.23 13.35 -20.43
N ASP A 123 16.93 13.64 -20.35
CA ASP A 123 16.24 13.99 -19.12
C ASP A 123 16.13 12.84 -18.15
N ILE A 124 15.80 11.65 -18.66
CA ILE A 124 15.72 10.49 -17.80
C ILE A 124 17.10 10.18 -17.21
N GLN A 125 18.15 10.23 -18.02
CA GLN A 125 19.50 10.01 -17.50
C GLN A 125 19.92 11.09 -16.49
N LEU A 126 19.41 12.31 -16.62
CA LEU A 126 19.72 13.35 -15.64
C LEU A 126 18.98 13.14 -14.33
N ALA A 127 17.69 12.81 -14.45
CA ALA A 127 16.86 12.50 -13.30
C ALA A 127 17.47 11.36 -12.53
N ARG A 128 17.87 10.30 -13.22
CA ARG A 128 18.52 9.16 -12.58
C ARG A 128 19.87 9.55 -11.99
N ARG A 129 20.60 10.43 -12.68
CA ARG A 129 21.88 10.93 -12.14
C ARG A 129 21.69 11.55 -10.76
N ILE A 130 20.63 12.36 -10.61
CA ILE A 130 20.32 13.07 -9.35
C ILE A 130 19.79 12.18 -8.21
N ARG A 131 18.85 11.29 -8.50
CA ARG A 131 18.23 10.42 -7.49
C ARG A 131 18.73 8.96 -7.58
N GLY A 132 18.28 8.19 -8.57
CA GLY A 132 18.86 6.88 -8.80
C GLY A 132 18.04 5.68 -8.39
N GLU A 133 18.70 4.52 -8.40
CA GLU A 133 18.15 3.27 -7.86
C GLU A 133 16.77 2.85 -8.40
N ARG A 134 15.80 2.76 -7.51
CA ARG A 134 14.50 2.27 -7.90
C ARG A 134 13.46 3.40 -7.83
N ALA A 135 12.58 3.45 -8.84
CA ALA A 135 11.41 4.36 -8.95
C ALA A 135 11.74 5.83 -8.65
N ILE B 26 6.49 -7.74 -36.27
CA ILE B 26 6.46 -8.00 -34.82
C ILE B 26 5.72 -6.89 -34.04
N GLN B 27 4.64 -7.28 -33.36
CA GLN B 27 3.82 -6.34 -32.58
C GLN B 27 4.39 -6.10 -31.17
N GLY B 28 4.31 -4.85 -30.72
CA GLY B 28 4.83 -4.46 -29.41
C GLY B 28 3.79 -4.38 -28.30
N ILE B 29 3.99 -3.39 -27.41
CA ILE B 29 2.94 -2.90 -26.50
C ILE B 29 2.64 -1.40 -26.75
N THR B 30 1.37 -1.02 -26.56
CA THR B 30 0.74 0.18 -27.15
C THR B 30 1.54 1.48 -27.04
N LYS B 31 1.61 2.26 -28.12
CA LYS B 31 2.29 3.54 -27.97
C LYS B 31 1.45 4.45 -27.03
N PRO B 32 0.10 4.50 -27.20
CA PRO B 32 -0.65 5.13 -26.11
C PRO B 32 -0.44 4.61 -24.66
N ALA B 33 -0.34 3.31 -24.40
CA ALA B 33 -0.20 2.86 -23.01
C ALA B 33 1.05 3.49 -22.37
N ILE B 34 2.12 3.58 -23.14
CA ILE B 34 3.35 4.19 -22.67
C ILE B 34 3.19 5.70 -22.53
N ARG B 35 2.54 6.33 -23.49
CA ARG B 35 2.30 7.76 -23.36
C ARG B 35 1.45 8.00 -22.08
N ARG B 36 0.74 6.96 -21.64
CA ARG B 36 -0.11 6.98 -20.43
C ARG B 36 0.59 6.72 -19.09
N LEU B 37 1.60 5.86 -19.09
CA LEU B 37 2.49 5.75 -17.94
C LEU B 37 3.24 7.05 -17.78
N ALA B 38 3.67 7.60 -18.92
CA ALA B 38 4.36 8.87 -18.91
C ALA B 38 3.47 9.95 -18.35
N ARG B 39 2.25 10.01 -18.87
CA ARG B 39 1.26 10.98 -18.43
C ARG B 39 1.00 10.80 -16.92
N ARG B 40 1.03 9.56 -16.44
CA ARG B 40 0.81 9.32 -15.01
C ARG B 40 1.94 9.87 -14.15
N GLY B 41 3.16 9.89 -14.71
CA GLY B 41 4.32 10.40 -13.99
C GLY B 41 4.40 11.92 -13.95
N GLY B 42 3.36 12.55 -14.49
CA GLY B 42 3.29 13.99 -14.59
C GLY B 42 4.09 14.48 -15.78
N VAL B 43 3.99 13.76 -16.90
CA VAL B 43 4.74 14.11 -18.11
C VAL B 43 3.83 14.22 -19.32
N LYS B 44 3.91 15.33 -20.04
CA LYS B 44 2.92 15.70 -21.07
C LYS B 44 3.11 14.98 -22.41
N ARG B 45 4.17 15.33 -23.13
CA ARG B 45 4.50 14.62 -24.38
C ARG B 45 5.95 14.22 -24.32
N ILE B 46 6.38 13.35 -25.24
CA ILE B 46 7.74 12.81 -25.17
C ILE B 46 8.43 12.64 -26.53
N SER B 47 9.77 12.70 -26.51
CA SER B 47 10.55 12.39 -27.69
C SER B 47 10.16 11.01 -28.17
N GLY B 48 10.22 10.80 -29.47
CA GLY B 48 9.78 9.55 -30.04
C GLY B 48 10.46 8.35 -29.43
N LEU B 49 11.80 8.38 -29.41
CA LEU B 49 12.57 7.19 -29.07
C LEU B 49 12.40 6.80 -27.58
N ILE B 50 11.95 7.75 -26.77
CA ILE B 50 11.63 7.44 -25.38
C ILE B 50 10.63 6.27 -25.29
N TYR B 51 9.76 6.13 -26.30
CA TYR B 51 8.81 5.01 -26.31
C TYR B 51 9.57 3.74 -26.10
N GLU B 52 10.52 3.49 -26.97
CA GLU B 52 11.16 2.19 -26.91
C GLU B 52 12.12 2.14 -25.70
N GLU B 53 12.52 3.31 -25.20
CA GLU B 53 13.36 3.27 -24.00
C GLU B 53 12.58 2.60 -22.90
N THR B 54 11.32 2.98 -22.72
CA THR B 54 10.62 2.42 -21.58
C THR B 54 10.52 0.92 -21.79
N ARG B 55 10.29 0.49 -23.02
CA ARG B 55 10.25 -0.95 -23.32
C ARG B 55 11.50 -1.61 -22.79
N GLY B 56 12.64 -1.07 -23.20
CA GLY B 56 13.93 -1.57 -22.76
C GLY B 56 14.04 -1.61 -21.26
N VAL B 57 13.71 -0.49 -20.62
CA VAL B 57 13.82 -0.39 -19.17
C VAL B 57 12.92 -1.44 -18.54
N LEU B 58 11.69 -1.57 -19.04
CA LEU B 58 10.76 -2.53 -18.48
C LEU B 58 11.43 -3.91 -18.49
N LYS B 59 11.98 -4.27 -19.65
CA LYS B 59 12.46 -5.62 -19.83
C LYS B 59 13.68 -5.87 -18.95
N VAL B 60 14.46 -4.83 -18.66
CA VAL B 60 15.64 -5.04 -17.83
C VAL B 60 15.09 -5.38 -16.46
N PHE B 61 14.14 -4.57 -15.99
CA PHE B 61 13.58 -4.72 -14.65
C PHE B 61 13.14 -6.17 -14.44
N LEU B 62 12.14 -6.60 -15.21
CA LEU B 62 11.65 -7.97 -15.13
C LEU B 62 12.77 -9.02 -15.12
N GLU B 63 13.74 -8.85 -16.02
CA GLU B 63 14.86 -9.78 -16.09
C GLU B 63 15.39 -9.95 -14.70
N ASN B 64 15.90 -8.88 -14.10
CA ASN B 64 16.62 -9.10 -12.85
C ASN B 64 15.68 -9.25 -11.64
N VAL B 65 14.38 -9.14 -11.84
CA VAL B 65 13.52 -9.62 -10.77
C VAL B 65 13.38 -11.15 -10.89
N ILE B 66 13.10 -11.63 -12.10
CA ILE B 66 12.83 -13.06 -12.32
C ILE B 66 14.10 -13.86 -12.06
N ARG B 67 15.21 -13.33 -12.55
CA ARG B 67 16.55 -13.83 -12.31
C ARG B 67 16.74 -14.10 -10.84
N ASP B 68 16.31 -13.14 -10.01
CA ASP B 68 16.41 -13.27 -8.54
C ASP B 68 15.32 -14.22 -8.05
N ALA B 69 14.09 -14.09 -8.55
CA ALA B 69 12.98 -14.97 -8.14
C ALA B 69 13.33 -16.45 -8.37
N VAL B 70 13.60 -16.80 -9.61
CA VAL B 70 14.09 -18.13 -9.96
C VAL B 70 15.29 -18.60 -9.09
N THR B 71 16.22 -17.70 -8.77
CA THR B 71 17.36 -18.09 -7.93
C THR B 71 16.90 -18.71 -6.64
N TYR B 72 15.84 -18.14 -6.08
CA TYR B 72 15.18 -18.69 -4.90
C TYR B 72 14.56 -20.03 -5.23
N THR B 73 13.72 -20.01 -6.26
CA THR B 73 12.86 -21.12 -6.64
C THR B 73 13.61 -22.43 -6.75
N GLU B 74 14.71 -22.44 -7.50
CA GLU B 74 15.51 -23.66 -7.66
C GLU B 74 16.51 -23.89 -6.53
N HIS B 75 16.81 -22.87 -5.72
CA HIS B 75 17.61 -23.12 -4.52
C HIS B 75 16.76 -23.96 -3.58
N ALA B 76 15.48 -23.63 -3.51
CA ALA B 76 14.58 -24.38 -2.65
C ALA B 76 14.10 -25.65 -3.36
N LYS B 77 14.64 -25.90 -4.55
CA LYS B 77 14.34 -27.11 -5.33
C LYS B 77 12.84 -27.24 -5.63
N ARG B 78 12.32 -26.40 -6.52
CA ARG B 78 10.89 -26.30 -6.83
C ARG B 78 10.62 -26.11 -8.33
N LYS B 79 9.59 -26.78 -8.85
CA LYS B 79 9.28 -26.71 -10.28
C LYS B 79 8.44 -25.47 -10.66
N THR B 80 8.09 -24.67 -9.65
CA THR B 80 7.19 -23.52 -9.85
C THR B 80 7.72 -22.24 -9.19
N VAL B 81 7.62 -21.11 -9.89
CA VAL B 81 7.96 -19.81 -9.32
C VAL B 81 6.74 -19.22 -8.60
N THR B 82 6.98 -18.82 -7.34
CA THR B 82 5.94 -18.49 -6.36
C THR B 82 5.79 -17.02 -6.23
N ALA B 83 4.57 -16.55 -5.99
CA ALA B 83 4.33 -15.16 -5.64
C ALA B 83 5.18 -14.73 -4.43
N MET B 84 5.47 -15.65 -3.53
CA MET B 84 6.40 -15.38 -2.45
C MET B 84 7.84 -15.19 -2.94
N ASP B 85 8.24 -15.99 -3.92
CA ASP B 85 9.58 -15.88 -4.48
C ASP B 85 9.72 -14.49 -5.07
N VAL B 86 8.71 -14.08 -5.79
CA VAL B 86 8.72 -12.77 -6.39
C VAL B 86 8.68 -11.66 -5.35
N VAL B 87 8.02 -11.83 -4.20
CA VAL B 87 8.13 -10.79 -3.16
C VAL B 87 9.57 -10.69 -2.67
N TYR B 88 10.18 -11.84 -2.38
CA TYR B 88 11.57 -11.88 -1.92
C TYR B 88 12.51 -11.26 -2.91
N ALA B 89 12.15 -11.31 -4.18
CA ALA B 89 12.98 -10.68 -5.20
C ALA B 89 12.75 -9.17 -5.27
N LEU B 90 11.49 -8.77 -5.18
CA LEU B 90 11.16 -7.36 -5.28
C LEU B 90 11.85 -6.60 -4.18
N LYS B 91 11.80 -7.14 -2.97
CA LYS B 91 12.26 -6.37 -1.83
C LYS B 91 13.77 -6.24 -1.89
N ARG B 92 14.40 -7.07 -2.73
CA ARG B 92 15.86 -7.06 -2.93
C ARG B 92 16.29 -6.05 -4.00
N GLN B 93 15.32 -5.44 -4.67
CA GLN B 93 15.57 -4.56 -5.82
C GLN B 93 15.90 -3.13 -5.45
N GLY B 94 16.19 -2.91 -4.18
CA GLY B 94 16.48 -1.58 -3.71
C GLY B 94 15.10 -1.05 -3.43
N ARG B 95 14.94 0.25 -3.60
CA ARG B 95 13.84 1.00 -3.00
C ARG B 95 12.44 0.41 -3.29
N THR B 96 12.34 -0.43 -4.33
CA THR B 96 11.08 -0.81 -4.96
C THR B 96 9.95 -1.11 -3.99
N LEU B 97 10.06 -2.18 -3.22
CA LEU B 97 9.00 -2.54 -2.30
C LEU B 97 9.22 -2.01 -0.90
N TYR B 98 10.18 -1.10 -0.72
CA TYR B 98 10.52 -0.63 0.62
C TYR B 98 9.33 -0.19 1.43
N GLY B 99 9.27 -0.69 2.66
CA GLY B 99 8.16 -0.42 3.55
C GLY B 99 7.22 -1.59 3.80
N PHE B 100 7.23 -2.58 2.90
CA PHE B 100 6.33 -3.74 2.97
C PHE B 100 6.69 -4.76 4.07
N GLY B 101 5.71 -5.09 4.92
CA GLY B 101 5.85 -6.19 5.87
C GLY B 101 6.84 -5.90 6.95
N GLY B 102 7.32 -4.65 6.97
CA GLY B 102 8.31 -4.19 7.94
C GLY B 102 9.72 -4.74 7.71
N ARG C 5 -37.68 -4.68 1.98
CA ARG C 5 -37.25 -5.69 2.94
C ARG C 5 -37.32 -7.08 2.29
N GLY C 6 -38.17 -7.21 1.28
CA GLY C 6 -38.14 -8.40 0.45
C GLY C 6 -37.03 -8.16 -0.57
N SER C 7 -36.69 -6.88 -0.74
CA SER C 7 -35.57 -6.43 -1.58
C SER C 7 -34.24 -6.49 -0.82
N ARG C 8 -34.29 -6.06 0.43
CA ARG C 8 -33.18 -6.25 1.37
C ARG C 8 -32.76 -7.71 1.44
N ARG C 9 -33.69 -8.61 1.14
CA ARG C 9 -33.40 -10.05 1.05
C ARG C 9 -32.59 -10.36 -0.20
N GLN C 10 -32.81 -9.58 -1.26
CA GLN C 10 -32.11 -9.80 -2.54
C GLN C 10 -30.71 -9.24 -2.58
N ILE C 11 -30.51 -8.11 -1.89
CA ILE C 11 -29.21 -7.47 -1.91
C ILE C 11 -28.08 -8.31 -1.28
N GLN C 12 -28.41 -9.14 -0.31
CA GLN C 12 -27.41 -10.05 0.23
C GLN C 12 -27.04 -11.17 -0.75
N ARG C 13 -27.92 -11.59 -1.65
CA ARG C 13 -27.50 -12.57 -2.67
C ARG C 13 -26.43 -11.96 -3.57
N LEU C 14 -26.55 -10.66 -3.83
CA LEU C 14 -25.50 -9.96 -4.53
C LEU C 14 -24.24 -9.93 -3.69
N GLU C 15 -24.37 -9.71 -2.39
CA GLU C 15 -23.15 -9.68 -1.56
C GLU C 15 -22.43 -11.02 -1.53
N GLN C 16 -23.14 -12.13 -1.33
CA GLN C 16 -22.43 -13.40 -1.29
C GLN C 16 -21.97 -13.79 -2.71
N LEU C 17 -22.64 -13.30 -3.76
CA LEU C 17 -22.08 -13.48 -5.10
C LEU C 17 -20.69 -12.83 -5.15
N LEU C 18 -20.58 -11.64 -4.56
CA LEU C 18 -19.27 -11.02 -4.40
C LEU C 18 -18.31 -12.00 -3.73
N ALA C 19 -18.77 -12.60 -2.65
CA ALA C 19 -17.93 -13.56 -1.92
C ALA C 19 -17.46 -14.71 -2.80
N LEU C 20 -18.31 -15.10 -3.75
CA LEU C 20 -18.05 -16.21 -4.66
C LEU C 20 -17.01 -15.83 -5.70
N TYR C 21 -17.17 -14.66 -6.30
CA TYR C 21 -16.17 -14.12 -7.21
C TYR C 21 -14.80 -14.11 -6.56
N VAL C 22 -14.74 -13.74 -5.29
CA VAL C 22 -13.44 -13.74 -4.63
C VAL C 22 -12.91 -15.16 -4.33
N ALA C 23 -13.80 -16.09 -4.01
CA ALA C 23 -13.41 -17.51 -3.99
C ALA C 23 -12.69 -17.89 -5.29
N GLU C 24 -13.39 -17.79 -6.43
CA GLU C 24 -12.80 -18.18 -7.72
C GLU C 24 -11.62 -17.35 -8.16
N ILE C 25 -11.56 -16.09 -7.76
CA ILE C 25 -10.37 -15.27 -8.05
C ILE C 25 -9.17 -15.84 -7.31
N ARG C 26 -9.34 -16.33 -6.10
CA ARG C 26 -8.19 -16.90 -5.42
C ARG C 26 -7.84 -18.30 -5.95
N ARG C 27 -8.87 -19.03 -6.38
CA ARG C 27 -8.61 -20.35 -6.96
C ARG C 27 -7.79 -20.18 -8.24
N LEU C 28 -8.12 -19.18 -9.06
CA LEU C 28 -7.31 -18.88 -10.26
C LEU C 28 -5.92 -18.31 -9.95
N GLN C 29 -5.84 -17.53 -8.87
CA GLN C 29 -4.57 -16.92 -8.50
C GLN C 29 -3.59 -18.00 -8.10
N GLU C 30 -4.09 -19.11 -7.59
CA GLU C 30 -3.17 -20.19 -7.27
C GLU C 30 -2.72 -20.98 -8.50
N LYS C 31 -3.62 -21.17 -9.47
CA LYS C 31 -3.35 -22.04 -10.61
C LYS C 31 -2.02 -21.64 -11.27
N GLU C 32 -1.17 -22.65 -11.50
CA GLU C 32 0.17 -22.41 -11.99
C GLU C 32 0.27 -22.67 -13.50
N LEU C 33 1.13 -21.91 -14.16
CA LEU C 33 1.18 -21.83 -15.62
C LEU C 33 2.55 -22.14 -16.23
N ASP C 34 2.63 -23.12 -17.13
CA ASP C 34 3.89 -23.30 -17.86
C ASP C 34 3.95 -22.29 -19.00
N LEU C 35 4.93 -22.41 -19.90
CA LEU C 35 5.17 -21.40 -20.92
C LEU C 35 4.06 -21.34 -21.98
N SER C 36 3.59 -22.50 -22.40
CA SER C 36 2.56 -22.53 -23.43
C SER C 36 1.26 -22.00 -22.83
N GLU C 37 1.06 -22.19 -21.54
CA GLU C 37 -0.09 -21.58 -20.86
C GLU C 37 0.12 -20.06 -20.82
N LEU C 38 1.36 -19.60 -20.95
CA LEU C 38 1.70 -18.17 -20.90
C LEU C 38 1.58 -17.49 -22.25
N ASP C 39 1.42 -18.26 -23.31
CA ASP C 39 1.01 -17.60 -24.57
C ASP C 39 -0.53 -17.49 -24.71
N ASP C 40 -1.27 -18.21 -23.86
CA ASP C 40 -2.74 -18.31 -23.90
C ASP C 40 -3.55 -17.06 -23.54
N PRO C 41 -4.39 -16.55 -24.47
CA PRO C 41 -5.32 -15.47 -24.13
C PRO C 41 -6.45 -15.91 -23.17
N ASP C 42 -6.65 -17.21 -23.06
CA ASP C 42 -7.62 -17.78 -22.14
C ASP C 42 -6.97 -18.25 -20.84
N SER C 43 -5.69 -17.93 -20.62
CA SER C 43 -4.95 -18.48 -19.47
C SER C 43 -5.51 -18.09 -18.09
N ALA C 44 -5.17 -18.89 -17.08
CA ALA C 44 -5.66 -18.69 -15.70
C ALA C 44 -5.40 -17.27 -15.19
N TYR C 45 -4.35 -16.64 -15.68
CA TYR C 45 -4.10 -15.24 -15.37
C TYR C 45 -5.17 -14.33 -15.93
N LEU C 46 -5.44 -14.46 -17.23
CA LEU C 46 -6.40 -13.58 -17.90
C LEU C 46 -7.82 -13.85 -17.48
N GLN C 47 -8.09 -15.11 -17.14
CA GLN C 47 -9.35 -15.49 -16.52
C GLN C 47 -9.53 -14.75 -15.19
N GLU C 48 -8.49 -14.81 -14.35
CA GLU C 48 -8.42 -14.04 -13.09
C GLU C 48 -8.63 -12.52 -13.28
N ALA C 49 -8.15 -11.95 -14.38
CA ALA C 49 -8.39 -10.53 -14.60
C ALA C 49 -9.81 -10.23 -15.08
N ARG C 50 -10.38 -11.11 -15.93
CA ARG C 50 -11.79 -10.97 -16.35
C ARG C 50 -12.68 -11.03 -15.10
N LEU C 51 -12.41 -12.00 -14.22
CA LEU C 51 -13.12 -12.12 -12.93
C LEU C 51 -12.95 -10.91 -12.03
N LYS C 52 -11.74 -10.36 -11.91
CA LYS C 52 -11.56 -9.17 -11.09
C LYS C 52 -12.38 -8.00 -11.61
N ARG C 53 -12.43 -7.82 -12.91
CA ARG C 53 -13.22 -6.71 -13.42
C ARG C 53 -14.71 -6.96 -13.17
N LYS C 54 -15.20 -8.17 -13.47
CA LYS C 54 -16.63 -8.46 -13.27
C LYS C 54 -17.03 -8.26 -11.79
N LEU C 55 -16.11 -8.57 -10.88
CA LEU C 55 -16.30 -8.27 -9.46
C LEU C 55 -16.42 -6.78 -9.22
N ILE C 56 -15.39 -6.01 -9.57
CA ILE C 56 -15.42 -4.58 -9.27
C ILE C 56 -16.63 -3.86 -9.86
N ARG C 57 -17.12 -4.26 -11.03
CA ARG C 57 -18.33 -3.59 -11.49
C ARG C 57 -19.60 -4.15 -10.84
N LEU C 58 -19.58 -5.40 -10.34
CA LEU C 58 -20.70 -5.85 -9.46
C LEU C 58 -20.75 -4.99 -8.22
N PHE C 59 -19.58 -4.78 -7.64
CA PHE C 59 -19.43 -3.88 -6.53
C PHE C 59 -19.92 -2.48 -6.83
N GLY C 60 -19.64 -1.97 -8.02
CA GLY C 60 -20.08 -0.63 -8.37
C GLY C 60 -21.59 -0.51 -8.53
N ARG C 61 -22.14 -1.53 -9.19
CA ARG C 61 -23.59 -1.69 -9.32
C ARG C 61 -24.20 -1.55 -7.94
N LEU C 62 -23.68 -2.36 -7.04
CA LEU C 62 -24.15 -2.48 -5.67
C LEU C 62 -23.98 -1.17 -4.86
N CYS C 63 -22.86 -0.48 -5.06
CA CYS C 63 -22.62 0.81 -4.43
C CYS C 63 -23.66 1.84 -4.84
N GLU C 64 -23.86 1.99 -6.14
CA GLU C 64 -24.89 2.90 -6.66
C GLU C 64 -26.29 2.41 -6.35
N LEU C 65 -26.36 1.17 -5.89
CA LEU C 65 -27.61 0.56 -5.44
C LEU C 65 -27.94 0.94 -4.00
N LYS C 66 -26.92 1.17 -3.19
CA LYS C 66 -27.18 1.66 -1.82
C LYS C 66 -27.01 3.18 -1.60
N ASP C 67 -26.78 3.93 -2.69
CA ASP C 67 -26.61 5.39 -2.68
C ASP C 67 -25.21 5.83 -2.33
N CYS C 68 -24.35 4.85 -2.08
CA CYS C 68 -23.11 5.07 -1.35
C CYS C 68 -21.86 5.43 -2.15
N SER C 69 -22.00 5.70 -3.44
CA SER C 69 -20.91 6.39 -4.16
C SER C 69 -19.53 5.68 -4.16
N SER C 70 -19.53 4.41 -4.51
CA SER C 70 -18.51 3.84 -5.41
C SER C 70 -17.05 3.78 -5.01
N LEU C 71 -16.65 4.44 -3.94
CA LEU C 71 -15.21 4.51 -3.67
C LEU C 71 -14.83 3.74 -2.41
N THR C 72 -13.62 3.19 -2.40
CA THR C 72 -13.14 2.41 -1.27
C THR C 72 -11.75 2.67 -0.74
N GLY C 73 -11.66 3.29 0.43
CA GLY C 73 -10.49 3.23 1.29
C GLY C 73 -9.09 3.41 0.71
N ARG C 74 -8.80 4.48 -0.02
CA ARG C 74 -7.46 4.61 -0.63
C ARG C 74 -6.86 5.97 -0.30
N VAL C 75 -5.54 6.07 -0.13
CA VAL C 75 -4.95 7.37 0.16
C VAL C 75 -5.04 8.35 -1.03
N ILE C 76 -5.29 7.83 -2.22
CA ILE C 76 -5.50 8.64 -3.41
C ILE C 76 -6.65 9.65 -3.18
N GLU C 77 -7.65 9.26 -2.40
CA GLU C 77 -8.96 9.94 -2.33
C GLU C 77 -8.97 11.24 -1.55
N GLN C 78 -8.59 11.19 -0.28
CA GLN C 78 -8.35 12.39 0.51
C GLN C 78 -7.60 13.46 -0.21
N ARG C 79 -8.12 14.68 -0.25
CA ARG C 79 -7.38 15.76 -0.93
C ARG C 79 -6.17 16.02 -0.06
N ILE C 80 -5.01 16.21 -0.68
CA ILE C 80 -3.80 16.51 0.10
C ILE C 80 -3.59 18.00 0.13
N PRO C 81 -3.76 18.60 1.30
CA PRO C 81 -3.72 20.05 1.52
C PRO C 81 -2.31 20.57 1.49
N TYR C 82 -2.08 21.71 0.86
CA TYR C 82 -0.74 22.25 0.90
C TYR C 82 -0.68 23.74 1.19
N ARG C 83 -0.15 24.13 2.34
CA ARG C 83 0.32 25.49 2.46
C ARG C 83 1.82 25.46 2.74
N GLY C 84 2.60 25.63 1.68
CA GLY C 84 4.06 25.68 1.76
C GLY C 84 4.68 27.02 1.42
N THR C 85 3.88 27.92 0.87
CA THR C 85 4.31 29.28 0.72
C THR C 85 4.04 29.88 2.08
N ARG C 86 4.44 31.12 2.30
CA ARG C 86 4.06 31.83 3.52
C ARG C 86 2.75 32.59 3.25
N TYR C 87 2.18 32.33 2.06
CA TYR C 87 1.07 33.08 1.47
C TYR C 87 -0.15 32.18 1.13
N PRO C 88 -1.15 32.13 2.05
CA PRO C 88 -2.27 31.15 2.09
C PRO C 88 -3.23 31.05 0.88
N GLU C 89 -3.37 32.09 0.09
CA GLU C 89 -4.26 32.07 -1.09
C GLU C 89 -3.51 31.79 -2.41
N VAL C 90 -2.20 31.65 -2.33
CA VAL C 90 -1.44 30.98 -3.37
C VAL C 90 -1.69 29.49 -3.17
N ASN C 91 -1.84 29.14 -1.90
CA ASN C 91 -2.13 27.78 -1.51
C ASN C 91 -3.62 27.46 -1.68
N ARG C 92 -4.44 28.49 -1.90
CA ARG C 92 -5.82 28.27 -2.31
C ARG C 92 -5.84 27.63 -3.71
N ARG C 93 -5.23 28.33 -4.67
CA ARG C 93 -5.21 27.88 -6.05
C ARG C 93 -4.37 26.61 -6.15
N ILE C 94 -3.29 26.54 -5.37
CA ILE C 94 -2.38 25.40 -5.46
C ILE C 94 -2.99 24.15 -4.85
N GLU C 95 -3.70 24.30 -3.72
CA GLU C 95 -4.17 23.12 -2.97
C GLU C 95 -5.13 22.33 -3.83
N ARG C 96 -5.85 22.99 -4.74
CA ARG C 96 -6.50 22.19 -5.73
C ARG C 96 -5.62 22.20 -6.96
N LEU C 97 -4.64 21.30 -6.90
CA LEU C 97 -4.10 20.54 -8.00
C LEU C 97 -5.02 19.34 -8.06
N ILE C 98 -5.31 18.84 -6.86
CA ILE C 98 -5.86 17.52 -6.66
C ILE C 98 -7.33 17.47 -6.93
N ASN C 99 -7.97 18.63 -6.90
CA ASN C 99 -9.40 18.68 -7.09
C ASN C 99 -9.74 18.01 -8.42
N LYS C 100 -8.76 17.98 -9.34
CA LYS C 100 -8.90 17.21 -10.59
C LYS C 100 -9.06 15.74 -10.23
N PRO C 101 -10.06 15.07 -10.86
CA PRO C 101 -10.47 13.74 -10.40
C PRO C 101 -9.50 12.57 -10.67
N GLY C 102 -9.36 11.74 -9.63
CA GLY C 102 -8.75 10.42 -9.72
C GLY C 102 -7.23 10.39 -9.75
N PRO C 103 -6.68 9.32 -10.36
CA PRO C 103 -5.27 9.21 -10.77
C PRO C 103 -5.02 10.04 -12.03
N ASP C 104 -3.75 10.28 -12.34
CA ASP C 104 -3.28 11.14 -13.45
C ASP C 104 -3.30 12.61 -13.05
N THR C 105 -3.75 12.88 -11.82
CA THR C 105 -3.65 14.22 -11.27
C THR C 105 -2.28 14.28 -10.65
N PHE C 106 -1.42 15.03 -11.30
CA PHE C 106 -0.04 15.18 -10.93
C PHE C 106 0.50 16.17 -11.93
N PRO C 107 1.18 17.19 -11.43
CA PRO C 107 1.64 18.30 -12.25
C PRO C 107 3.05 18.14 -12.79
N ASP C 108 3.48 19.16 -13.52
CA ASP C 108 4.90 19.39 -13.75
C ASP C 108 5.15 20.83 -13.31
N TYR C 109 6.38 21.29 -13.44
CA TYR C 109 6.75 22.63 -12.97
C TYR C 109 5.87 23.72 -13.59
N GLY C 110 5.54 23.58 -14.86
CA GLY C 110 4.72 24.56 -15.56
C GLY C 110 3.36 24.82 -14.93
N ASP C 111 2.72 23.73 -14.50
CA ASP C 111 1.40 23.79 -13.88
C ASP C 111 1.44 24.61 -12.59
N VAL C 112 2.41 24.28 -11.73
CA VAL C 112 2.57 25.00 -10.46
C VAL C 112 2.86 26.48 -10.72
N LEU C 113 3.69 26.78 -11.72
CA LEU C 113 3.97 28.18 -12.00
C LEU C 113 2.71 28.92 -12.53
N ARG C 114 1.87 28.23 -13.30
CA ARG C 114 0.62 28.82 -13.79
C ARG C 114 -0.36 29.08 -12.64
N ALA C 115 -0.39 28.20 -11.64
CA ALA C 115 -1.31 28.39 -10.52
C ALA C 115 -0.82 29.43 -9.51
N VAL C 116 0.51 29.55 -9.38
CA VAL C 116 1.10 30.54 -8.48
C VAL C 116 1.07 31.95 -9.10
N GLU C 117 1.20 32.04 -10.43
CA GLU C 117 1.01 33.32 -11.11
C GLU C 117 -0.48 33.65 -11.33
N LYS C 118 -1.34 32.63 -11.23
CA LYS C 118 -2.79 32.82 -11.26
C LYS C 118 -3.22 33.48 -9.96
N ALA C 119 -2.82 32.84 -8.85
CA ALA C 119 -3.03 33.40 -7.52
C ALA C 119 -2.20 34.69 -7.31
N ALA C 120 -1.17 34.91 -8.14
CA ALA C 120 -0.43 36.18 -8.09
C ALA C 120 -1.20 37.28 -8.80
N ALA C 121 -1.77 36.94 -9.95
CA ALA C 121 -2.44 37.90 -10.82
C ALA C 121 -3.82 38.29 -10.27
N ARG C 122 -4.75 37.34 -10.19
CA ARG C 122 -6.13 37.67 -9.82
C ARG C 122 -6.32 38.05 -8.35
N HIS C 123 -5.36 37.67 -7.50
CA HIS C 123 -5.35 38.15 -6.11
C HIS C 123 -4.51 39.43 -6.00
N SER C 124 -3.74 39.72 -7.05
CA SER C 124 -2.86 40.89 -7.14
C SER C 124 -1.81 40.97 -6.02
N LEU C 125 -0.82 40.08 -6.09
CA LEU C 125 0.32 40.07 -5.17
C LEU C 125 1.39 41.12 -5.51
N GLY C 126 1.96 41.03 -6.71
CA GLY C 126 2.94 42.00 -7.17
C GLY C 126 4.35 41.86 -6.60
N LEU C 127 4.90 40.67 -6.67
CA LEU C 127 6.23 40.38 -6.17
C LEU C 127 7.10 39.97 -7.39
N PRO C 128 8.43 40.22 -7.35
CA PRO C 128 9.26 40.01 -8.55
C PRO C 128 9.21 38.58 -9.10
N ARG C 129 9.59 38.38 -10.37
CA ARG C 129 9.64 37.03 -10.93
C ARG C 129 10.59 36.16 -10.09
N GLN C 130 11.50 36.82 -9.39
CA GLN C 130 12.46 36.16 -8.49
C GLN C 130 11.85 35.25 -7.41
N GLN C 131 11.18 35.85 -6.40
CA GLN C 131 10.82 35.07 -5.22
C GLN C 131 9.52 34.30 -5.66
N LEU C 132 8.83 34.80 -6.71
CA LEU C 132 7.68 34.11 -7.33
C LEU C 132 8.10 32.72 -7.79
N GLN C 133 9.22 32.68 -8.50
CA GLN C 133 9.81 31.41 -8.95
C GLN C 133 10.47 30.58 -7.83
N LEU C 134 11.02 31.22 -6.80
CA LEU C 134 11.44 30.44 -5.61
C LEU C 134 10.24 29.68 -5.01
N MET C 135 9.09 30.36 -4.92
CA MET C 135 7.86 29.76 -4.38
C MET C 135 7.41 28.64 -5.30
N ALA C 136 7.43 28.87 -6.60
CA ALA C 136 7.04 27.82 -7.55
C ALA C 136 7.93 26.57 -7.52
N GLN C 137 9.25 26.74 -7.43
CA GLN C 137 10.16 25.58 -7.37
C GLN C 137 10.05 24.80 -6.04
N ASP C 138 10.18 25.53 -4.92
CA ASP C 138 10.03 24.97 -3.58
C ASP C 138 8.74 24.14 -3.49
N ALA C 139 7.63 24.74 -3.96
CA ALA C 139 6.34 24.06 -3.91
C ALA C 139 6.32 22.84 -4.83
N PHE C 140 6.75 23.00 -6.07
CA PHE C 140 6.67 21.89 -7.02
C PHE C 140 7.43 20.65 -6.54
N ARG C 141 8.65 20.84 -6.06
CA ARG C 141 9.40 19.68 -5.58
C ARG C 141 8.77 19.14 -4.29
N ASP C 142 8.36 20.03 -3.39
CA ASP C 142 7.69 19.61 -2.16
C ASP C 142 6.45 18.72 -2.37
N VAL C 143 5.49 19.18 -3.17
CA VAL C 143 4.28 18.38 -3.41
C VAL C 143 4.51 17.27 -4.43
N GLY C 144 5.54 17.42 -5.24
CA GLY C 144 5.90 16.33 -6.14
C GLY C 144 6.25 15.14 -5.29
N ILE C 145 7.20 15.35 -4.37
CA ILE C 145 7.60 14.31 -3.45
C ILE C 145 6.45 13.78 -2.58
N ARG C 146 5.68 14.67 -1.93
CA ARG C 146 4.58 14.24 -1.08
C ARG C 146 3.62 13.36 -1.86
N LEU C 147 3.28 13.78 -3.06
CA LEU C 147 2.37 13.01 -3.89
C LEU C 147 2.97 11.64 -4.25
N GLN C 148 4.27 11.63 -4.56
CA GLN C 148 4.94 10.41 -4.97
C GLN C 148 4.86 9.38 -3.85
N GLU C 149 5.28 9.77 -2.66
CA GLU C 149 5.28 8.81 -1.56
C GLU C 149 3.88 8.48 -1.10
N ARG C 150 2.90 9.34 -1.41
CA ARG C 150 1.51 8.97 -1.18
C ARG C 150 1.09 7.83 -2.11
N ARG C 151 1.52 7.89 -3.36
CA ARG C 151 1.22 6.80 -4.28
C ARG C 151 1.93 5.49 -3.87
N HIS C 152 3.21 5.62 -3.54
CA HIS C 152 4.01 4.46 -3.13
C HIS C 152 3.39 3.80 -1.95
N LEU C 153 2.92 4.64 -1.04
CA LEU C 153 2.24 4.19 0.16
C LEU C 153 1.03 3.36 -0.21
N ASP C 154 0.15 3.92 -1.03
CA ASP C 154 -0.97 3.12 -1.47
C ASP C 154 -0.51 1.79 -2.05
N LEU C 155 0.66 1.76 -2.69
CA LEU C 155 1.20 0.49 -3.22
C LEU C 155 1.52 -0.52 -2.11
N ILE C 156 2.29 -0.12 -1.09
CA ILE C 156 2.64 -1.14 -0.11
C ILE C 156 1.45 -1.49 0.73
N TYR C 157 0.42 -0.65 0.74
CA TYR C 157 -0.84 -1.06 1.36
C TYR C 157 -1.44 -2.24 0.68
N ASN C 158 -1.96 -2.00 -0.53
CA ASN C 158 -2.62 -3.08 -1.23
C ASN C 158 -1.76 -3.60 -2.34
N PHE C 159 -1.06 -4.68 -2.04
CA PHE C 159 -0.14 -5.25 -2.98
C PHE C 159 -0.24 -6.78 -2.94
N GLY C 160 -0.27 -7.35 -4.15
CA GLY C 160 -0.32 -8.79 -4.30
C GLY C 160 -1.68 -9.35 -3.98
N CYS C 161 -1.70 -10.39 -3.15
CA CYS C 161 -2.91 -11.11 -2.81
C CYS C 161 -2.70 -11.81 -1.49
N HIS C 162 -3.59 -12.72 -1.14
CA HIS C 162 -3.41 -13.48 0.09
C HIS C 162 -2.15 -14.33 0.09
N LEU C 163 -1.51 -14.54 -1.06
CA LEU C 163 -0.29 -15.34 -1.06
C LEU C 163 0.95 -14.56 -0.64
N THR C 164 1.12 -13.38 -1.26
CA THR C 164 2.20 -12.46 -0.88
C THR C 164 1.95 -11.93 0.55
N ASP C 165 0.66 -11.82 0.91
CA ASP C 165 0.20 -11.32 2.19
C ASP C 165 0.98 -11.88 3.33
N ASP C 166 1.13 -13.19 3.35
CA ASP C 166 1.79 -13.73 4.50
C ASP C 166 3.28 -13.72 4.18
N TYR C 167 3.96 -12.67 4.65
CA TYR C 167 5.38 -12.52 4.42
C TYR C 167 6.03 -11.90 5.61
N ARG C 168 6.92 -12.64 6.28
CA ARG C 168 7.81 -12.03 7.26
C ARG C 168 9.14 -11.72 6.57
N PRO C 169 9.75 -10.56 6.88
CA PRO C 169 10.98 -10.03 6.22
C PRO C 169 12.23 -10.80 6.60
N GLY C 170 12.17 -11.44 7.78
CA GLY C 170 13.30 -12.11 8.37
C GLY C 170 13.29 -13.63 8.35
N VAL C 171 12.39 -14.20 7.56
CA VAL C 171 12.45 -15.62 7.21
C VAL C 171 13.08 -15.82 5.84
N ASP C 172 13.55 -14.71 5.27
CA ASP C 172 14.24 -14.70 3.98
C ASP C 172 15.27 -15.84 3.98
N PRO C 173 15.19 -16.73 2.99
CA PRO C 173 16.01 -17.94 3.02
C PRO C 173 17.51 -17.65 2.88
N ALA C 174 17.84 -16.51 2.26
CA ALA C 174 19.22 -16.09 2.02
C ALA C 174 20.04 -15.96 3.30
N LEU C 175 19.34 -15.86 4.42
CA LEU C 175 19.97 -15.64 5.71
C LEU C 175 20.70 -16.87 6.25
N SER C 176 20.01 -18.02 6.30
CA SER C 176 20.62 -19.21 6.88
C SER C 176 21.55 -19.96 5.90
N ASP C 177 21.37 -19.75 4.59
CA ASP C 177 22.18 -20.45 3.58
C ASP C 177 22.99 -19.49 2.73
N PRO C 178 24.22 -19.17 3.18
CA PRO C 178 25.10 -18.21 2.50
C PRO C 178 25.47 -18.54 1.03
N VAL C 179 25.25 -19.76 0.55
CA VAL C 179 25.47 -20.05 -0.86
C VAL C 179 24.51 -19.21 -1.69
N LEU C 180 23.26 -19.19 -1.21
CA LEU C 180 22.17 -18.38 -1.76
C LEU C 180 22.46 -16.88 -1.69
N ALA C 181 23.06 -16.45 -0.59
CA ALA C 181 23.44 -15.07 -0.41
C ALA C 181 24.47 -14.68 -1.46
N ARG C 182 25.43 -15.59 -1.66
CA ARG C 182 26.46 -15.43 -2.66
C ARG C 182 25.79 -15.19 -4.03
N ARG C 183 24.97 -16.16 -4.44
CA ARG C 183 24.30 -16.09 -5.74
C ARG C 183 23.51 -14.77 -5.90
N LEU C 184 22.80 -14.35 -4.86
CA LEU C 184 21.99 -13.14 -4.94
C LEU C 184 22.79 -11.85 -4.98
N ARG C 185 23.97 -11.82 -4.35
CA ARG C 185 24.81 -10.62 -4.43
C ARG C 185 25.22 -10.48 -5.86
N GLU C 186 25.56 -11.63 -6.44
CA GLU C 186 25.89 -11.68 -7.86
C GLU C 186 24.78 -11.10 -8.76
N ASN C 187 23.57 -11.66 -8.66
CA ASN C 187 22.45 -11.13 -9.45
C ASN C 187 22.17 -9.64 -9.26
N ARG C 188 22.24 -9.11 -8.03
CA ARG C 188 22.01 -7.67 -7.87
C ARG C 188 23.11 -6.86 -8.57
N SER C 189 24.36 -7.34 -8.49
CA SER C 189 25.43 -6.71 -9.24
C SER C 189 25.01 -6.56 -10.71
N LEU C 190 24.62 -7.69 -11.28
CA LEU C 190 24.25 -7.71 -12.69
C LEU C 190 23.12 -6.71 -12.97
N ALA C 191 22.13 -6.73 -12.09
CA ALA C 191 20.93 -5.92 -12.25
C ALA C 191 21.23 -4.42 -12.37
N MET C 192 22.01 -3.90 -11.42
CA MET C 192 22.33 -2.46 -11.45
C MET C 192 23.21 -2.13 -12.65
N SER C 193 24.15 -3.03 -12.97
CA SER C 193 25.01 -2.83 -14.16
C SER C 193 24.18 -2.57 -15.41
N ARG C 194 23.27 -3.50 -15.66
CA ARG C 194 22.30 -3.39 -16.76
C ARG C 194 21.39 -2.14 -16.78
N LEU C 195 20.74 -1.83 -15.65
CA LEU C 195 19.94 -0.62 -15.57
C LEU C 195 20.72 0.59 -16.03
N ASP C 196 21.89 0.79 -15.45
CA ASP C 196 22.63 1.99 -15.79
C ASP C 196 23.11 2.01 -17.24
N GLU C 197 23.56 0.86 -17.77
CA GLU C 197 24.03 0.87 -19.16
C GLU C 197 22.89 0.99 -20.20
N VAL C 198 21.66 0.57 -19.87
CA VAL C 198 20.52 0.80 -20.77
C VAL C 198 20.07 2.27 -20.76
N ILE C 199 19.93 2.87 -19.58
CA ILE C 199 19.66 4.31 -19.51
C ILE C 199 20.70 5.12 -20.30
N SER C 200 21.97 4.80 -20.10
CA SER C 200 23.01 5.55 -20.80
C SER C 200 23.02 5.15 -22.29
N LYS C 201 22.47 3.98 -22.60
CA LYS C 201 22.37 3.53 -23.98
C LYS C 201 21.49 4.48 -24.74
N TYR C 202 20.33 4.80 -24.17
CA TYR C 202 19.43 5.68 -24.88
C TYR C 202 19.81 7.14 -24.74
N ALA C 203 20.60 7.48 -23.74
CA ALA C 203 21.19 8.82 -23.74
C ALA C 203 22.10 9.00 -24.96
N MET C 204 23.15 8.18 -25.00
CA MET C 204 24.19 8.32 -26.01
C MET C 204 23.71 7.87 -27.41
N LEU C 205 22.54 7.25 -27.45
CA LEU C 205 21.82 6.98 -28.69
C LEU C 205 21.06 8.22 -29.15
N GLN C 206 20.31 8.85 -28.26
CA GLN C 206 19.54 10.02 -28.65
C GLN C 206 20.49 11.18 -28.97
N ASP C 207 21.76 11.02 -28.63
CA ASP C 207 22.74 12.01 -29.07
C ASP C 207 22.91 12.10 -30.62
N LYS C 208 22.40 11.11 -31.34
CA LYS C 208 22.44 11.11 -32.82
C LYS C 208 21.83 12.36 -33.46
N SER C 209 20.81 12.92 -32.82
CA SER C 209 20.16 14.18 -33.26
C SER C 209 21.05 15.23 -33.96
N LEU D 3 -7.87 -19.27 25.83
CA LEU D 3 -8.46 -18.61 24.67
C LEU D 3 -8.32 -19.47 23.38
N ASP D 4 -9.39 -19.51 22.58
CA ASP D 4 -9.27 -20.00 21.20
C ASP D 4 -8.54 -18.98 20.34
N THR D 5 -7.87 -19.46 19.29
CA THR D 5 -7.07 -18.59 18.43
C THR D 5 -7.57 -18.73 16.99
N VAL D 6 -7.22 -17.74 16.17
CA VAL D 6 -7.44 -17.80 14.75
C VAL D 6 -6.19 -17.13 14.11
N ARG D 7 -5.92 -17.41 12.85
CA ARG D 7 -4.66 -17.02 12.24
C ARG D 7 -4.55 -15.48 12.21
N TYR D 8 -3.33 -14.92 12.11
CA TYR D 8 -3.10 -13.50 12.39
C TYR D 8 -3.34 -12.43 11.28
N ASP D 9 -3.85 -12.77 10.11
CA ASP D 9 -3.75 -11.86 8.94
C ASP D 9 -4.10 -10.35 9.10
N TYR D 10 -3.48 -9.51 8.27
CA TYR D 10 -3.67 -8.06 8.29
C TYR D 10 -5.13 -7.67 8.17
N GLY D 11 -5.55 -6.63 8.91
CA GLY D 11 -6.92 -6.14 8.85
C GLY D 11 -7.81 -6.50 10.02
N HIS D 12 -7.22 -7.06 11.07
CA HIS D 12 -7.93 -7.22 12.33
C HIS D 12 -7.86 -5.92 13.12
N TYR D 13 -8.56 -5.89 14.25
CA TYR D 13 -8.57 -4.76 15.16
C TYR D 13 -7.62 -5.02 16.32
N LEU D 14 -6.96 -3.97 16.78
CA LEU D 14 -6.16 -4.00 17.99
C LEU D 14 -6.94 -3.41 19.15
N ILE D 15 -7.12 -4.14 20.24
CA ILE D 15 -7.80 -3.57 21.39
C ILE D 15 -6.91 -3.67 22.63
N MET D 16 -7.15 -2.78 23.59
CA MET D 16 -6.46 -2.89 24.86
C MET D 16 -7.47 -2.93 26.00
N LEU D 17 -7.33 -3.95 26.82
CA LEU D 17 -8.25 -4.19 27.90
C LEU D 17 -7.60 -3.77 29.20
N GLY D 18 -8.22 -2.84 29.92
CA GLY D 18 -7.77 -2.44 31.25
C GLY D 18 -8.02 -0.96 31.51
N PRO D 19 -7.56 -0.46 32.66
CA PRO D 19 -7.64 0.99 32.89
C PRO D 19 -6.36 1.75 32.44
N PHE D 20 -6.24 3.05 32.73
CA PHE D 20 -4.95 3.75 32.61
C PHE D 20 -4.66 4.67 33.81
N TYR D 33 0.36 -7.81 42.60
CA TYR D 33 -0.41 -7.40 43.78
C TYR D 33 -0.70 -5.89 43.71
N ALA D 34 -1.25 -5.37 44.82
CA ALA D 34 -1.74 -3.98 44.92
C ALA D 34 -2.80 -3.64 43.84
N GLU D 35 -2.71 -2.44 43.28
CA GLU D 35 -3.75 -1.92 42.38
C GLU D 35 -3.99 -2.82 41.16
N SER D 36 -2.89 -3.24 40.53
CA SER D 36 -2.90 -4.11 39.36
C SER D 36 -3.64 -5.42 39.62
N SER D 37 -3.88 -5.78 40.89
CA SER D 37 -4.58 -7.02 41.22
C SER D 37 -6.11 -6.90 41.02
N TRP D 38 -6.66 -5.70 41.16
CA TRP D 38 -8.09 -5.53 40.93
C TRP D 38 -8.39 -5.54 39.45
N ALA D 39 -7.69 -4.70 38.71
CA ALA D 39 -7.93 -4.53 37.30
C ALA D 39 -7.81 -5.88 36.60
N GLN D 40 -6.81 -6.66 37.01
CA GLN D 40 -6.61 -8.00 36.48
C GLN D 40 -7.90 -8.82 36.51
N ALA D 41 -8.55 -8.85 37.67
CA ALA D 41 -9.75 -9.67 37.86
C ALA D 41 -10.81 -9.31 36.87
N ALA D 42 -10.79 -8.06 36.42
CA ALA D 42 -11.77 -7.59 35.44
C ALA D 42 -11.43 -8.03 34.03
N VAL D 43 -10.18 -7.87 33.61
CA VAL D 43 -9.90 -8.16 32.21
C VAL D 43 -10.16 -9.64 31.93
N GLN D 44 -9.55 -10.53 32.71
CA GLN D 44 -9.77 -11.94 32.53
C GLN D 44 -11.22 -12.28 32.70
N THR D 45 -11.96 -11.47 33.44
CA THR D 45 -13.37 -11.78 33.61
C THR D 45 -14.05 -11.49 32.27
N ALA D 46 -13.82 -10.29 31.72
CA ALA D 46 -14.47 -9.86 30.49
C ALA D 46 -14.23 -10.85 29.34
N LEU D 47 -12.97 -11.25 29.19
CA LEU D 47 -12.59 -12.26 28.20
C LEU D 47 -13.46 -13.49 28.32
N GLU D 48 -13.55 -14.05 29.53
CA GLU D 48 -14.36 -15.25 29.73
C GLU D 48 -15.76 -14.98 29.23
N LEU D 49 -16.29 -13.84 29.66
CA LEU D 49 -17.65 -13.43 29.33
C LEU D 49 -17.77 -13.35 27.85
N PHE D 50 -16.76 -12.75 27.21
CA PHE D 50 -16.72 -12.68 25.77
C PHE D 50 -16.88 -14.07 25.10
N SER D 51 -16.08 -15.05 25.54
CA SER D 51 -16.13 -16.40 25.00
C SER D 51 -17.51 -17.02 25.16
N ALA D 52 -18.25 -16.52 26.15
CA ALA D 52 -19.62 -16.93 26.40
C ALA D 52 -20.59 -16.16 25.51
N LEU D 53 -20.36 -14.87 25.41
CA LEU D 53 -21.36 -13.99 24.86
C LEU D 53 -21.30 -14.09 23.35
N TYR D 54 -20.12 -14.42 22.87
CA TYR D 54 -19.85 -14.49 21.44
C TYR D 54 -19.01 -15.74 21.17
N PRO D 55 -19.61 -16.91 21.19
CA PRO D 55 -18.66 -18.02 21.24
C PRO D 55 -18.17 -18.42 19.87
N ALA D 56 -17.44 -17.56 19.19
CA ALA D 56 -16.82 -17.97 17.93
C ALA D 56 -15.41 -17.44 17.80
N PRO D 57 -14.47 -18.29 17.37
CA PRO D 57 -13.08 -18.03 17.73
C PRO D 57 -12.50 -16.85 16.98
N CYS D 58 -12.68 -15.62 17.45
CA CYS D 58 -12.10 -14.48 16.74
C CYS D 58 -10.82 -13.85 17.27
N ILE D 59 -10.28 -14.27 18.39
CA ILE D 59 -9.06 -13.58 18.85
C ILE D 59 -7.80 -14.17 18.25
N SER D 60 -7.09 -13.35 17.49
CA SER D 60 -5.78 -13.70 16.97
C SER D 60 -4.76 -12.90 17.70
N GLY D 61 -3.75 -13.51 18.31
CA GLY D 61 -2.79 -12.69 19.00
C GLY D 61 -3.25 -11.96 20.27
N TYR D 62 -3.63 -12.72 21.28
CA TYR D 62 -3.55 -12.17 22.63
C TYR D 62 -2.07 -12.16 22.95
N ALA D 63 -1.51 -11.03 23.38
CA ALA D 63 -0.20 -11.09 24.05
C ALA D 63 -0.06 -10.19 25.28
N ARG D 64 0.03 -10.82 26.45
CA ARG D 64 0.64 -10.21 27.64
C ARG D 64 2.21 -10.06 27.65
N PRO D 65 2.99 -11.05 27.11
CA PRO D 65 4.34 -11.35 27.65
C PRO D 65 5.51 -10.37 27.34
N PRO D 66 6.66 -10.47 28.08
CA PRO D 66 6.87 -11.20 29.36
C PRO D 66 6.19 -10.57 30.61
N GLY D 67 6.33 -9.25 30.78
CA GLY D 67 5.75 -8.52 31.91
C GLY D 67 6.56 -8.48 33.21
N PRO D 68 6.43 -7.37 33.98
CA PRO D 68 5.79 -6.13 33.49
C PRO D 68 6.69 -5.43 32.49
N SER D 69 6.18 -5.05 31.33
CA SER D 69 7.04 -4.45 30.33
C SER D 69 6.41 -3.25 29.69
N ALA D 70 7.28 -2.35 29.23
CA ALA D 70 6.86 -1.11 28.61
C ALA D 70 5.90 -1.36 27.44
N VAL D 71 4.89 -0.52 27.32
CA VAL D 71 3.79 -0.76 26.41
C VAL D 71 4.20 -1.15 25.00
N ILE D 72 5.16 -0.42 24.43
CA ILE D 72 5.51 -0.66 23.03
C ILE D 72 6.15 -2.04 22.91
N GLU D 73 6.85 -2.46 23.94
CA GLU D 73 7.41 -3.80 23.95
C GLU D 73 6.29 -4.85 23.99
N HIS D 74 5.21 -4.61 24.76
CA HIS D 74 4.01 -5.48 24.80
C HIS D 74 3.43 -5.66 23.43
N LEU D 75 3.31 -4.53 22.75
CA LEU D 75 2.81 -4.44 21.40
C LEU D 75 3.77 -5.08 20.39
N GLY D 76 5.01 -5.27 20.79
CA GLY D 76 5.96 -5.89 19.91
C GLY D 76 5.62 -7.34 19.67
N SER D 77 5.32 -8.06 20.74
CA SER D 77 5.14 -9.51 20.67
C SER D 77 3.74 -9.85 20.19
N LEU D 78 2.95 -8.81 20.01
CA LEU D 78 1.62 -8.98 19.47
C LEU D 78 1.58 -9.25 17.98
N VAL D 79 2.62 -8.79 17.25
CA VAL D 79 2.64 -8.72 15.78
C VAL D 79 3.65 -9.60 15.02
N PRO D 80 3.21 -10.70 14.38
CA PRO D 80 4.13 -11.51 13.58
C PRO D 80 4.55 -10.89 12.26
N LYS D 81 3.63 -10.20 11.59
CA LYS D 81 3.92 -9.63 10.28
C LYS D 81 3.40 -8.21 10.12
N GLY D 82 4.18 -7.41 9.42
CA GLY D 82 3.80 -6.03 9.17
C GLY D 82 3.91 -5.25 10.44
N GLY D 83 2.85 -4.50 10.75
CA GLY D 83 2.84 -3.62 11.90
C GLY D 83 1.42 -3.19 12.19
N LEU D 84 1.27 -2.14 13.01
CA LEU D 84 -0.03 -1.58 13.38
C LEU D 84 -0.15 -0.13 13.04
N LEU D 85 -1.40 0.28 12.84
CA LEU D 85 -1.71 1.69 12.68
C LEU D 85 -2.87 2.06 13.59
N LEU D 86 -2.58 2.93 14.55
CA LEU D 86 -3.58 3.33 15.51
C LEU D 86 -3.85 4.83 15.54
N PHE D 87 -4.98 5.18 16.12
CA PHE D 87 -5.50 6.51 15.95
C PHE D 87 -5.40 7.33 17.24
N LEU D 88 -5.23 8.65 17.11
CA LEU D 88 -5.00 9.46 18.29
C LEU D 88 -6.30 9.72 19.04
N SER D 89 -7.43 9.70 18.36
CA SER D 89 -8.67 9.86 19.09
C SER D 89 -9.01 8.62 19.88
N HIS D 90 -8.48 7.47 19.50
CA HIS D 90 -8.96 6.29 20.17
C HIS D 90 -8.02 5.92 21.28
N LEU D 91 -7.01 6.75 21.50
CA LEU D 91 -6.16 6.63 22.69
C LEU D 91 -7.01 6.88 23.94
N PRO D 92 -6.53 6.40 25.11
CA PRO D 92 -7.14 6.71 26.40
C PRO D 92 -7.13 8.20 26.72
N ASP D 93 -8.29 8.67 27.16
CA ASP D 93 -8.61 10.08 27.35
C ASP D 93 -7.58 10.79 28.22
N ASP D 94 -7.03 10.04 29.16
CA ASP D 94 -5.89 10.49 29.96
C ASP D 94 -4.72 10.95 29.07
N VAL D 95 -4.35 10.12 28.08
CA VAL D 95 -3.26 10.47 27.15
C VAL D 95 -3.71 11.38 26.02
N LYS D 96 -4.93 11.13 25.52
CA LYS D 96 -5.55 11.97 24.48
C LYS D 96 -5.59 13.46 24.90
N ASP D 97 -5.88 13.71 26.17
CA ASP D 97 -5.98 15.07 26.72
C ASP D 97 -4.69 15.86 26.70
N GLY D 98 -3.56 15.15 26.77
CA GLY D 98 -2.24 15.79 26.79
C GLY D 98 -1.78 16.20 25.40
N LEU D 99 -2.72 16.23 24.47
CA LEU D 99 -2.45 16.68 23.12
C LEU D 99 -2.93 18.14 22.95
N GLY D 100 -4.23 18.38 23.19
CA GLY D 100 -4.77 19.74 23.24
C GLY D 100 -4.09 20.70 24.19
N THR D 108 1.14 20.20 16.68
CA THR D 108 2.48 20.77 16.73
C THR D 108 3.52 19.75 16.20
N GLY D 109 3.12 19.05 15.13
CA GLY D 109 3.97 18.12 14.40
C GLY D 109 4.45 16.95 15.22
N PRO D 110 5.54 16.29 14.78
CA PRO D 110 6.37 15.30 15.51
C PRO D 110 6.94 15.78 16.87
N GLY D 111 6.86 17.09 17.13
CA GLY D 111 6.93 17.58 18.49
C GLY D 111 6.02 16.79 19.45
N MET D 112 4.81 16.44 18.98
CA MET D 112 3.83 15.61 19.73
C MET D 112 4.03 14.11 19.56
N GLN D 113 4.79 13.72 18.54
CA GLN D 113 5.33 12.37 18.48
C GLN D 113 6.10 12.11 19.74
N GLN D 114 6.93 13.07 20.13
CA GLN D 114 7.72 12.89 21.35
C GLN D 114 6.87 12.66 22.61
N PHE D 115 5.81 13.44 22.77
CA PHE D 115 4.91 13.31 23.93
C PHE D 115 4.16 11.98 23.93
N VAL D 116 3.58 11.64 22.78
CA VAL D 116 2.81 10.41 22.72
C VAL D 116 3.76 9.23 22.91
N SER D 117 5.05 9.41 22.63
CA SER D 117 6.03 8.44 23.07
C SER D 117 6.14 8.48 24.60
N SER D 118 6.14 9.66 25.20
CA SER D 118 6.23 9.77 26.67
C SER D 118 5.12 8.98 27.39
N TYR D 119 3.90 9.01 26.84
CA TYR D 119 2.77 8.26 27.41
C TYR D 119 2.70 6.79 27.00
N PHE D 120 2.95 6.50 25.74
CA PHE D 120 2.84 5.12 25.22
C PHE D 120 4.11 4.31 24.98
N LEU D 121 5.27 4.84 25.35
CA LEU D 121 6.49 4.08 25.16
C LEU D 121 6.96 3.51 26.47
N ASN D 122 7.53 4.35 27.31
CA ASN D 122 8.12 3.89 28.56
C ASN D 122 7.17 3.21 29.57
N PRO D 123 5.91 3.71 29.73
CA PRO D 123 5.17 3.23 30.91
C PRO D 123 4.80 1.75 30.89
N ALA D 124 4.99 1.05 32.00
CA ALA D 124 4.73 -0.39 32.07
C ALA D 124 3.27 -0.73 32.43
N CYS D 125 2.70 -1.70 31.71
CA CYS D 125 1.26 -1.94 31.78
C CYS D 125 0.77 -3.12 32.64
N SER D 126 -0.33 -2.87 33.37
CA SER D 126 -1.17 -3.93 33.93
C SER D 126 -2.18 -4.41 32.86
N ASN D 127 -2.14 -3.78 31.67
CA ASN D 127 -3.11 -4.01 30.60
C ASN D 127 -2.90 -5.27 29.79
N VAL D 128 -3.96 -5.74 29.12
CA VAL D 128 -3.86 -6.86 28.18
C VAL D 128 -4.10 -6.39 26.76
N PHE D 129 -3.24 -6.74 25.82
CA PHE D 129 -3.45 -6.35 24.43
C PHE D 129 -3.90 -7.50 23.58
N ILE D 130 -4.93 -7.29 22.77
CA ILE D 130 -5.57 -8.35 22.02
C ILE D 130 -5.70 -7.93 20.58
N THR D 131 -5.72 -8.87 19.64
CA THR D 131 -6.09 -8.52 18.27
C THR D 131 -7.33 -9.31 17.81
N VAL D 132 -8.49 -8.70 17.68
CA VAL D 132 -9.65 -9.50 17.32
C VAL D 132 -9.99 -9.31 15.87
N ARG D 133 -10.53 -10.37 15.26
CA ARG D 133 -10.87 -10.42 13.85
C ARG D 133 -12.37 -10.30 13.68
N GLN D 134 -12.87 -9.31 12.95
CA GLN D 134 -14.32 -9.33 12.80
C GLN D 134 -14.83 -9.84 11.46
N ARG D 135 -15.33 -11.07 11.39
CA ARG D 135 -15.75 -11.56 10.09
C ARG D 135 -17.25 -11.88 9.99
N GLY D 136 -18.00 -10.98 9.35
CA GLY D 136 -19.44 -11.14 9.12
C GLY D 136 -20.20 -11.54 10.37
N GLU D 137 -21.23 -12.36 10.21
CA GLU D 137 -21.70 -13.25 11.28
C GLU D 137 -22.14 -12.55 12.59
N LYS D 138 -23.07 -11.61 12.54
CA LYS D 138 -23.55 -11.01 13.79
C LYS D 138 -24.14 -12.11 14.67
N ILE D 139 -23.67 -12.24 15.92
CA ILE D 139 -24.28 -13.21 16.83
C ILE D 139 -25.21 -12.58 17.86
N ASN D 140 -26.37 -13.22 18.05
CA ASN D 140 -27.48 -12.61 18.77
C ASN D 140 -27.67 -11.21 18.17
N GLY D 141 -27.65 -10.17 18.98
CA GLY D 141 -27.62 -8.85 18.39
C GLY D 141 -26.20 -8.44 18.02
N ARG D 142 -25.22 -9.02 18.71
CA ARG D 142 -23.91 -8.40 18.90
C ARG D 142 -22.97 -8.63 17.67
N THR D 143 -22.08 -7.67 17.40
CA THR D 143 -20.92 -7.84 16.51
C THR D 143 -19.74 -8.39 17.29
N VAL D 144 -18.58 -8.57 16.68
CA VAL D 144 -17.44 -8.89 17.53
C VAL D 144 -17.17 -7.74 18.44
N LEU D 145 -16.87 -6.59 17.84
CA LEU D 145 -16.51 -5.42 18.63
C LEU D 145 -17.57 -5.04 19.67
N GLN D 146 -18.82 -5.34 19.34
CA GLN D 146 -19.94 -5.04 20.23
C GLN D 146 -20.17 -6.06 21.32
N ALA D 147 -19.88 -7.33 21.04
CA ALA D 147 -20.04 -8.33 22.09
C ALA D 147 -18.88 -8.17 23.04
N LEU D 148 -17.79 -7.62 22.54
CA LEU D 148 -16.67 -7.33 23.42
C LEU D 148 -16.95 -6.04 24.14
N GLY D 149 -17.72 -5.19 23.50
CA GLY D 149 -18.19 -3.97 24.14
C GLY D 149 -19.05 -4.30 25.34
N ARG D 150 -20.10 -5.09 25.13
CA ARG D 150 -21.03 -5.47 26.20
C ARG D 150 -20.38 -6.35 27.26
N ALA D 151 -19.63 -7.38 26.85
CA ALA D 151 -18.98 -8.22 27.84
C ALA D 151 -17.98 -7.42 28.64
N CYS D 152 -17.39 -6.41 28.03
CA CYS D 152 -16.49 -5.57 28.78
C CYS D 152 -17.20 -4.70 29.79
N ASP D 153 -18.22 -3.97 29.37
CA ASP D 153 -18.95 -3.11 30.28
C ASP D 153 -19.49 -3.91 31.47
N MET D 154 -20.23 -4.96 31.17
CA MET D 154 -20.81 -5.78 32.23
C MET D 154 -19.76 -6.30 33.16
N ALA D 155 -18.60 -6.68 32.61
CA ALA D 155 -17.55 -7.19 33.49
C ALA D 155 -16.90 -6.09 34.29
N GLY D 156 -17.29 -4.84 34.04
CA GLY D 156 -16.69 -3.73 34.76
C GLY D 156 -15.24 -3.58 34.37
N CYS D 157 -15.00 -3.37 33.07
CA CYS D 157 -13.68 -3.31 32.51
C CYS D 157 -13.62 -2.27 31.39
N GLN D 158 -12.60 -1.41 31.40
CA GLN D 158 -12.47 -0.41 30.33
C GLN D 158 -11.79 -1.06 29.12
N HIS D 159 -12.15 -0.65 27.89
CA HIS D 159 -11.49 -1.19 26.69
C HIS D 159 -11.31 -0.14 25.58
N TYR D 160 -10.11 0.02 25.07
CA TYR D 160 -9.92 0.95 23.95
C TYR D 160 -9.58 0.21 22.65
N VAL D 161 -10.30 0.56 21.57
CA VAL D 161 -10.00 -0.02 20.28
C VAL D 161 -9.04 0.94 19.58
N LEU D 162 -7.77 0.59 19.57
CA LEU D 162 -6.72 1.57 19.27
C LEU D 162 -6.61 1.85 17.79
N GLY D 163 -6.55 0.79 16.99
CA GLY D 163 -6.47 0.90 15.54
C GLY D 163 -6.46 -0.48 14.90
N SER D 164 -6.05 -0.58 13.63
CA SER D 164 -6.04 -1.90 12.98
C SER D 164 -4.67 -2.45 12.64
N THR D 165 -4.64 -3.72 12.23
CA THR D 165 -3.38 -4.40 11.98
C THR D 165 -3.15 -4.25 10.47
N VAL D 166 -1.91 -3.92 10.09
CA VAL D 166 -1.66 -3.45 8.74
C VAL D 166 -0.28 -3.90 8.17
N PRO D 167 -0.08 -3.93 6.82
CA PRO D 167 1.16 -4.42 6.19
C PRO D 167 2.38 -3.56 6.40
N LEU D 168 2.19 -2.23 6.41
CA LEU D 168 3.31 -1.30 6.47
C LEU D 168 3.79 -1.09 7.87
N GLY D 169 5.07 -0.77 8.00
CA GLY D 169 5.59 0.02 9.10
C GLY D 169 5.53 -0.74 10.39
N GLY D 170 6.26 -0.29 11.40
CA GLY D 170 6.06 -0.89 12.71
C GLY D 170 4.86 -0.36 13.49
N LEU D 171 4.88 0.94 13.76
CA LEU D 171 3.90 1.57 14.62
C LEU D 171 3.57 2.89 13.99
N ASN D 172 2.30 3.11 13.66
CA ASN D 172 1.94 4.29 12.89
C ASN D 172 0.74 4.97 13.46
N PHE D 173 0.89 6.23 13.82
CA PHE D 173 -0.20 6.92 14.46
C PHE D 173 -0.82 7.79 13.42
N VAL D 174 -2.13 7.93 13.39
CA VAL D 174 -2.64 8.87 12.41
C VAL D 174 -3.26 10.03 13.15
N ASN D 175 -3.39 11.20 12.54
CA ASN D 175 -3.90 12.29 13.37
C ASN D 175 -5.40 12.22 13.34
N ASP D 176 -5.91 11.75 14.46
CA ASP D 176 -7.29 11.45 14.56
C ASP D 176 -8.05 12.53 15.30
N LEU D 177 -7.31 13.48 15.87
CA LEU D 177 -7.83 14.31 16.95
C LEU D 177 -9.00 15.15 16.47
N ALA D 178 -8.96 15.46 15.17
CA ALA D 178 -9.87 16.42 14.55
C ALA D 178 -11.28 15.85 14.39
N SER D 179 -11.44 14.92 13.45
CA SER D 179 -12.62 14.06 13.37
C SER D 179 -12.28 12.67 13.89
N PRO D 180 -13.10 12.12 14.79
CA PRO D 180 -12.79 10.73 15.13
C PRO D 180 -13.08 9.78 13.96
N VAL D 181 -12.38 8.66 13.98
CA VAL D 181 -12.63 7.56 13.09
C VAL D 181 -13.83 6.74 13.59
N SER D 182 -14.55 6.04 12.70
CA SER D 182 -15.60 5.13 13.16
C SER D 182 -15.06 3.89 13.85
N THR D 183 -15.88 3.44 14.79
CA THR D 183 -15.74 2.18 15.50
C THR D 183 -15.41 1.14 14.43
N ALA D 184 -16.20 1.19 13.35
CA ALA D 184 -16.06 0.37 12.13
C ALA D 184 -15.14 0.86 11.00
N GLU D 185 -14.87 2.14 10.86
CA GLU D 185 -14.21 2.56 9.62
C GLU D 185 -12.69 2.56 9.71
N MET D 186 -12.18 1.97 10.77
CA MET D 186 -10.75 1.87 10.98
C MET D 186 -9.99 1.08 9.91
N MET D 187 -10.64 0.38 9.00
CA MET D 187 -9.82 -0.19 7.93
C MET D 187 -9.98 0.51 6.61
N ASP D 188 -9.08 1.46 6.40
CA ASP D 188 -9.01 2.32 5.24
C ASP D 188 -7.52 2.56 5.24
N ASP D 189 -7.03 3.50 4.47
CA ASP D 189 -5.59 3.52 4.30
C ASP D 189 -4.86 4.56 5.20
N PHE D 190 -5.18 5.85 5.07
CA PHE D 190 -4.83 6.87 6.08
C PHE D 190 -3.43 7.53 6.17
N SER D 191 -2.35 6.99 5.58
CA SER D 191 -1.11 7.79 5.45
C SER D 191 -0.65 8.58 6.70
N PRO D 192 -0.05 7.89 7.66
CA PRO D 192 0.36 8.46 8.95
C PRO D 192 1.49 9.48 8.87
N PHE D 193 1.62 10.22 9.97
CA PHE D 193 2.80 11.02 10.30
C PHE D 193 3.23 10.41 11.61
N PHE D 194 4.44 10.66 12.08
CA PHE D 194 4.78 10.19 13.42
C PHE D 194 4.75 8.63 13.43
N THR D 195 5.73 8.05 12.76
CA THR D 195 5.93 6.59 12.69
C THR D 195 7.02 6.12 13.66
N VAL D 196 6.77 5.01 14.35
CA VAL D 196 7.65 4.53 15.43
C VAL D 196 8.13 3.09 15.19
N GLU D 197 9.42 2.85 15.09
CA GLU D 197 9.91 1.49 14.87
C GLU D 197 9.71 0.66 16.13
N PHE D 198 9.63 -0.65 16.00
CA PHE D 198 9.42 -1.54 17.15
C PHE D 198 10.69 -1.76 17.94
N PRO D 199 10.66 -2.61 18.99
CA PRO D 199 11.95 -2.93 19.60
C PRO D 199 12.64 -4.21 19.05
N PRO D 200 13.87 -4.52 19.50
CA PRO D 200 14.63 -5.76 19.22
C PRO D 200 14.40 -6.96 20.19
N ILE D 201 15.18 -8.04 20.01
CA ILE D 201 15.12 -9.24 20.88
C ILE D 201 16.53 -9.83 21.20
#